data_4E7G
#
_entry.id   4E7G
#
_cell.length_a   66.840
_cell.length_b   73.860
_cell.length_c   99.800
_cell.angle_alpha   90.00
_cell.angle_beta   90.00
_cell.angle_gamma   90.00
#
_symmetry.space_group_name_H-M   'P 21 21 21'
#
loop_
_entity.id
_entity.type
_entity.pdbx_description
1 polymer 'UDP-N-acetylglucosamine 1-carboxyvinyltransferase'
2 non-polymer DI(HYDROXYETHYL)ETHER
3 non-polymer 1,2-ETHANEDIOL
4 non-polymer 'ACETATE ION'
5 water water
#
_entity_poly.entity_id   1
_entity_poly.type   'polypeptide(L)'
_entity_poly.pdbx_seq_one_letter_code
;MDKFRVQGPTRLQGEVTISGAKNAALPILFAALLAEEPVEIQNVPKLKDIDTTMKLLTQLGTKVER(IAS)GSVWIDASN
VNNFSAPYDLVKTMRASIWALGPLVARFGQGQVSLPGGDAIGAAPVDLHIFGLEKLGAEIKLEEGYVKASVNGRLKGAHI
VMDKVSVGATVTIMSAATLAEGTTIIENAAREPEIVDTANFLVALGAKISGQGTDRITIEGVERLGGGVYRVLPDRIETG
TFLVAAAISGGKIVCRNAQPDTLDAVLAKLREAGADIETGEDWISLDMHGKRPKAVTVRTAPHPAFPTDMQAQFTLLNLV
AEGTGVITETIFENAFMHVPELIRMGAHAEIESNTVICHGVEKLSGAQVMATKLRASASLVLAGCIAEGTTVVDRIYHID
RGYERIEDKLRALGANIERVKGE
;
_entity_poly.pdbx_strand_id   A
#
loop_
_chem_comp.id
_chem_comp.type
_chem_comp.name
_chem_comp.formula
ACT non-polymer 'ACETATE ION' 'C2 H3 O2 -1'
EDO non-polymer 1,2-ETHANEDIOL 'C2 H6 O2'
IAS L-beta-peptide, C-gamma linking 'BETA-L-ASPARTIC ACID' 'C4 H7 N O4'
PEG non-polymer DI(HYDROXYETHYL)ETHER 'C4 H10 O3'
#
# COMPACT_ATOMS: atom_id res chain seq x y z
N MET A 1 2.08 -22.74 10.63
CA MET A 1 1.08 -21.76 10.09
C MET A 1 0.29 -21.11 11.22
N ASP A 2 0.45 -19.79 11.33
CA ASP A 2 -0.16 -19.01 12.39
C ASP A 2 -1.63 -18.66 12.28
N LYS A 3 -2.23 -18.47 13.45
CA LYS A 3 -3.61 -18.01 13.60
C LYS A 3 -3.58 -16.98 14.74
N PHE A 4 -4.61 -16.15 14.82
CA PHE A 4 -4.73 -15.22 15.96
C PHE A 4 -5.88 -15.73 16.83
N ARG A 5 -5.65 -15.77 18.13
CA ARG A 5 -6.71 -16.11 19.08
C ARG A 5 -6.97 -14.81 19.84
N VAL A 6 -8.19 -14.29 19.73
CA VAL A 6 -8.56 -13.03 20.35
C VAL A 6 -9.68 -13.22 21.37
N GLN A 7 -9.55 -12.56 22.51
CA GLN A 7 -10.55 -12.62 23.58
C GLN A 7 -11.16 -11.22 23.70
N GLY A 8 -12.47 -11.14 23.50
CA GLY A 8 -13.16 -9.86 23.60
C GLY A 8 -14.27 -9.89 24.63
N PRO A 9 -14.91 -8.75 24.89
CA PRO A 9 -14.62 -7.46 24.25
C PRO A 9 -13.56 -6.62 24.96
N THR A 10 -12.84 -5.82 24.19
CA THR A 10 -11.82 -4.93 24.75
C THR A 10 -11.85 -3.60 24.03
N ARG A 11 -11.86 -2.52 24.80
CA ARG A 11 -11.81 -1.18 24.22
C ARG A 11 -10.38 -1.00 23.71
N LEU A 12 -10.26 -0.50 22.49
CA LEU A 12 -8.95 -0.23 21.89
C LEU A 12 -8.66 1.26 22.09
N GLN A 13 -7.63 1.53 22.90
CA GLN A 13 -7.30 2.91 23.28
C GLN A 13 -5.84 3.07 23.64
N GLY A 14 -5.32 4.28 23.43
CA GLY A 14 -3.94 4.56 23.75
C GLY A 14 -3.21 5.21 22.58
N GLU A 15 -2.04 4.65 22.30
CA GLU A 15 -1.19 5.16 21.23
C GLU A 15 -0.66 4.07 20.33
N VAL A 16 -0.43 4.43 19.06
CA VAL A 16 0.15 3.49 18.12
C VAL A 16 1.08 4.31 17.23
N THR A 17 2.20 3.73 16.85
CA THR A 17 3.15 4.41 15.96
C THR A 17 2.98 3.75 14.61
N ILE A 18 2.58 4.57 13.64
CA ILE A 18 2.31 4.10 12.28
C ILE A 18 3.60 3.81 11.53
N SER A 19 3.62 2.66 10.85
CA SER A 19 4.77 2.22 10.07
C SER A 19 4.86 2.95 8.75
N GLY A 20 6.05 2.94 8.16
CA GLY A 20 6.17 3.54 6.83
C GLY A 20 5.36 2.70 5.85
N ALA A 21 4.92 3.34 4.77
CA ALA A 21 4.11 2.66 3.76
C ALA A 21 4.89 1.70 2.87
N LYS A 22 4.54 0.42 2.90
CA LYS A 22 5.21 -0.57 2.05
C LYS A 22 5.12 -0.15 0.57
N ASN A 23 3.95 0.38 0.22
CA ASN A 23 3.65 0.79 -1.15
C ASN A 23 4.39 2.02 -1.64
N ALA A 24 5.04 2.71 -0.71
CA ALA A 24 5.90 3.83 -1.09
C ALA A 24 7.34 3.34 -0.99
N ALA A 25 7.64 2.51 0.02
CA ALA A 25 9.00 2.00 0.18
C ALA A 25 9.44 1.18 -1.03
N LEU A 26 8.54 0.34 -1.55
CA LEU A 26 8.88 -0.48 -2.71
C LEU A 26 9.33 0.32 -3.92
N PRO A 27 8.49 1.25 -4.41
CA PRO A 27 8.95 1.98 -5.60
C PRO A 27 10.19 2.83 -5.34
N ILE A 28 10.37 3.29 -4.11
CA ILE A 28 11.55 4.09 -3.76
C ILE A 28 12.80 3.21 -3.78
N LEU A 29 12.70 2.01 -3.22
CA LEU A 29 13.81 1.06 -3.22
C LEU A 29 14.28 0.78 -4.65
N PHE A 30 13.33 0.54 -5.54
CA PHE A 30 13.66 0.31 -6.95
C PHE A 30 14.24 1.56 -7.61
N ALA A 31 13.69 2.72 -7.27
CA ALA A 31 14.18 3.98 -7.85
C ALA A 31 15.62 4.24 -7.42
N ALA A 32 16.01 3.67 -6.29
CA ALA A 32 17.38 3.86 -5.83
C ALA A 32 18.39 3.28 -6.82
N LEU A 33 17.92 2.41 -7.72
CA LEU A 33 18.81 1.89 -8.77
C LEU A 33 19.40 3.00 -9.63
N LEU A 34 18.71 4.15 -9.67
CA LEU A 34 19.10 5.32 -10.46
C LEU A 34 20.20 6.12 -9.77
N ALA A 35 20.34 5.95 -8.46
CA ALA A 35 21.29 6.73 -7.65
C ALA A 35 22.76 6.35 -7.78
N GLU A 36 23.59 7.34 -8.07
CA GLU A 36 25.03 7.11 -8.23
C GLU A 36 25.79 7.10 -6.90
N GLU A 37 25.16 7.65 -5.87
CA GLU A 37 25.77 7.76 -4.54
C GLU A 37 24.93 7.05 -3.48
N PRO A 38 25.54 6.72 -2.34
CA PRO A 38 24.81 6.02 -1.27
C PRO A 38 23.55 6.70 -0.82
N VAL A 39 22.53 5.88 -0.58
CA VAL A 39 21.25 6.38 -0.14
C VAL A 39 20.79 5.66 1.13
N GLU A 40 20.19 6.42 2.06
CA GLU A 40 19.60 5.89 3.28
C GLU A 40 18.09 6.12 3.15
N ILE A 41 17.31 5.04 3.12
CA ILE A 41 15.84 5.13 3.05
C ILE A 41 15.32 4.83 4.46
N GLN A 42 14.79 5.86 5.08
CA GLN A 42 14.29 5.75 6.44
C GLN A 42 12.85 5.36 6.54
N ASN A 43 12.48 4.82 7.70
CA ASN A 43 11.08 4.49 7.93
C ASN A 43 10.52 3.39 7.04
N VAL A 44 11.32 2.35 6.83
CA VAL A 44 10.91 1.24 5.96
C VAL A 44 10.39 0.09 6.84
N PRO A 45 9.15 -0.37 6.59
CA PRO A 45 8.61 -1.45 7.41
C PRO A 45 9.37 -2.78 7.21
N LYS A 46 9.28 -3.65 8.21
CA LYS A 46 9.91 -4.97 8.15
C LYS A 46 8.86 -5.95 7.64
N LEU A 47 8.81 -6.11 6.33
CA LEU A 47 7.83 -6.96 5.66
C LEU A 47 8.53 -7.81 4.61
N LYS A 48 7.93 -8.96 4.29
CA LYS A 48 8.49 -9.89 3.31
C LYS A 48 8.92 -9.27 1.99
N ASP A 49 8.06 -8.46 1.42
CA ASP A 49 8.38 -7.82 0.14
C ASP A 49 9.62 -6.95 0.20
N ILE A 50 9.89 -6.37 1.38
CA ILE A 50 11.08 -5.56 1.49
C ILE A 50 12.29 -6.48 1.42
N ASP A 51 12.23 -7.64 2.10
CA ASP A 51 13.32 -8.63 2.06
C ASP A 51 13.56 -9.10 0.63
N THR A 52 12.48 -9.43 -0.06
CA THR A 52 12.56 -9.89 -1.43
C THR A 52 13.24 -8.84 -2.28
N THR A 53 12.88 -7.57 -2.06
CA THR A 53 13.45 -6.48 -2.84
C THR A 53 14.95 -6.35 -2.55
N MET A 54 15.32 -6.46 -1.27
CA MET A 54 16.74 -6.36 -0.92
C MET A 54 17.56 -7.44 -1.62
N LYS A 55 17.01 -8.66 -1.64
CA LYS A 55 17.66 -9.79 -2.30
C LYS A 55 17.82 -9.54 -3.79
N LEU A 56 16.79 -8.99 -4.39
CA LEU A 56 16.82 -8.66 -5.81
C LEU A 56 17.92 -7.65 -6.10
N LEU A 57 17.93 -6.57 -5.34
CA LEU A 57 18.91 -5.50 -5.49
C LEU A 57 20.34 -6.04 -5.36
N THR A 58 20.53 -6.92 -4.38
CA THR A 58 21.85 -7.50 -4.16
C THR A 58 22.32 -8.29 -5.39
N GLN A 59 21.40 -9.03 -5.99
CA GLN A 59 21.65 -9.83 -7.19
C GLN A 59 22.17 -8.96 -8.34
N LEU A 60 21.73 -7.70 -8.37
CA LEU A 60 22.14 -6.74 -9.39
C LEU A 60 23.52 -6.11 -9.12
N GLY A 61 24.08 -6.39 -7.95
CA GLY A 61 25.35 -5.81 -7.60
C GLY A 61 25.23 -4.60 -6.68
N THR A 62 24.04 -4.39 -6.12
CA THR A 62 23.80 -3.29 -5.19
C THR A 62 24.30 -3.71 -3.80
N LYS A 63 24.89 -2.79 -3.05
CA LYS A 63 25.29 -3.09 -1.65
C LYS A 63 24.06 -2.69 -0.84
N VAL A 64 23.49 -3.63 -0.08
CA VAL A 64 22.28 -3.36 0.70
C VAL A 64 22.37 -3.87 2.13
N GLU A 65 21.83 -3.11 3.07
CA GLU A 65 21.78 -3.52 4.47
C GLU A 65 20.62 -2.82 5.14
N ARG A 66 20.08 -3.41 6.21
CA ARG A 66 18.98 -2.76 6.91
C ARG A 66 19.08 -2.92 8.43
N IAS A 67 18.23 -2.17 9.13
CA IAS A 67 18.14 -2.24 10.59
C IAS A 67 17.25 -3.43 10.99
O IAS A 67 17.03 -3.65 12.19
CB IAS A 67 17.65 -0.96 11.23
CG IAS A 67 16.26 -0.57 10.77
OD1 IAS A 67 15.63 -1.33 10.00
OXT IAS A 67 16.77 -4.14 10.08
N GLY A 68 15.78 0.58 11.21
CA GLY A 68 14.52 1.08 10.72
C GLY A 68 14.70 1.56 9.30
N SER A 69 15.97 1.74 8.93
CA SER A 69 16.36 2.19 7.58
C SER A 69 16.89 1.06 6.71
N VAL A 70 16.90 1.29 5.41
CA VAL A 70 17.52 0.38 4.46
C VAL A 70 18.57 1.27 3.77
N TRP A 71 19.82 0.82 3.78
CA TRP A 71 20.92 1.54 3.14
C TRP A 71 21.21 0.87 1.80
N ILE A 72 21.25 1.66 0.73
CA ILE A 72 21.51 1.19 -0.62
C ILE A 72 22.69 1.92 -1.24
N ASP A 73 23.63 1.17 -1.79
CA ASP A 73 24.75 1.75 -2.52
C ASP A 73 24.71 1.09 -3.89
N ALA A 74 24.14 1.81 -4.87
CA ALA A 74 23.99 1.34 -6.25
C ALA A 74 25.04 1.90 -7.18
N SER A 75 26.12 2.39 -6.59
CA SER A 75 27.20 2.97 -7.38
C SER A 75 27.80 1.96 -8.35
N ASN A 76 27.84 0.70 -7.94
CA ASN A 76 28.42 -0.38 -8.72
C ASN A 76 27.52 -1.49 -9.26
N VAL A 77 26.30 -1.14 -9.65
CA VAL A 77 25.41 -2.14 -10.22
C VAL A 77 26.11 -2.72 -11.44
N ASN A 78 26.21 -4.04 -11.50
CA ASN A 78 26.93 -4.70 -12.58
C ASN A 78 26.26 -5.89 -13.26
N ASN A 79 25.02 -6.17 -12.86
CA ASN A 79 24.25 -7.26 -13.43
C ASN A 79 22.92 -6.55 -13.74
N PHE A 80 22.30 -6.88 -14.88
CA PHE A 80 21.06 -6.20 -15.27
C PHE A 80 19.86 -7.10 -15.41
N SER A 81 19.89 -8.23 -14.72
CA SER A 81 18.82 -9.21 -14.82
C SER A 81 18.21 -9.64 -13.52
N ALA A 82 16.88 -9.64 -13.42
CA ALA A 82 16.19 -10.07 -12.20
C ALA A 82 15.61 -11.45 -12.56
N PRO A 83 16.19 -12.52 -12.01
CA PRO A 83 15.77 -13.90 -12.30
C PRO A 83 14.52 -14.44 -11.64
N TYR A 84 13.93 -15.46 -12.27
CA TYR A 84 12.71 -16.12 -11.81
C TYR A 84 12.69 -16.40 -10.31
N ASP A 85 13.73 -17.08 -9.85
CA ASP A 85 13.82 -17.42 -8.44
C ASP A 85 13.64 -16.28 -7.44
N LEU A 86 14.08 -15.09 -7.86
CA LEU A 86 14.02 -13.90 -7.03
C LEU A 86 12.78 -13.03 -7.20
N VAL A 87 12.09 -13.17 -8.32
CA VAL A 87 10.90 -12.35 -8.59
C VAL A 87 9.56 -13.05 -8.46
N LYS A 88 9.59 -14.37 -8.42
CA LYS A 88 8.37 -15.18 -8.40
C LYS A 88 7.25 -14.87 -7.43
N THR A 89 7.60 -14.35 -6.25
CA THR A 89 6.60 -14.04 -5.23
C THR A 89 6.19 -12.59 -5.24
N MET A 90 6.80 -11.79 -6.10
CA MET A 90 6.58 -10.34 -6.08
C MET A 90 6.44 -9.59 -7.41
N ARG A 91 5.22 -9.28 -7.82
CA ARG A 91 5.06 -8.55 -9.07
C ARG A 91 5.74 -7.19 -9.16
N ALA A 92 5.97 -6.56 -8.02
CA ALA A 92 6.61 -5.24 -7.96
C ALA A 92 8.04 -5.29 -8.52
N SER A 93 8.53 -6.50 -8.72
CA SER A 93 9.85 -6.70 -9.32
C SER A 93 10.01 -5.98 -10.66
N ILE A 94 8.89 -5.77 -11.36
CA ILE A 94 8.89 -5.10 -12.66
C ILE A 94 9.53 -3.71 -12.54
N TRP A 95 9.48 -3.14 -11.34
CA TRP A 95 10.06 -1.82 -11.07
C TRP A 95 11.56 -1.68 -11.29
N ALA A 96 12.25 -2.81 -11.41
CA ALA A 96 13.69 -2.77 -11.68
C ALA A 96 13.95 -2.43 -13.14
N LEU A 97 13.00 -2.72 -14.02
CA LEU A 97 13.20 -2.52 -15.45
C LEU A 97 13.53 -1.12 -15.92
N GLY A 98 12.68 -0.18 -15.56
CA GLY A 98 12.83 1.20 -15.97
C GLY A 98 14.14 1.81 -15.53
N PRO A 99 14.50 1.68 -14.25
CA PRO A 99 15.77 2.28 -13.79
C PRO A 99 16.98 1.69 -14.52
N LEU A 100 16.96 0.37 -14.73
CA LEU A 100 18.07 -0.30 -15.42
C LEU A 100 18.23 0.22 -16.84
N VAL A 101 17.15 0.25 -17.60
CA VAL A 101 17.30 0.73 -18.97
C VAL A 101 17.61 2.24 -19.01
N ALA A 102 17.09 3.02 -18.08
CA ALA A 102 17.35 4.47 -18.08
C ALA A 102 18.78 4.82 -17.75
N ARG A 103 19.34 4.09 -16.79
CA ARG A 103 20.69 4.36 -16.34
C ARG A 103 21.80 3.66 -17.09
N PHE A 104 21.53 2.42 -17.48
CA PHE A 104 22.49 1.55 -18.12
C PHE A 104 22.25 1.18 -19.57
N GLY A 105 21.05 1.48 -20.05
CA GLY A 105 20.69 1.18 -21.43
C GLY A 105 20.23 -0.25 -21.66
N GLN A 106 20.16 -1.05 -20.61
CA GLN A 106 19.73 -2.46 -20.73
C GLN A 106 19.18 -2.98 -19.40
N GLY A 107 18.22 -3.90 -19.46
CA GLY A 107 17.69 -4.48 -18.25
C GLY A 107 16.69 -5.54 -18.64
N GLN A 108 16.54 -6.54 -17.77
CA GLN A 108 15.57 -7.61 -18.01
C GLN A 108 14.98 -8.11 -16.71
N VAL A 109 13.70 -8.46 -16.73
CA VAL A 109 13.03 -8.95 -15.52
C VAL A 109 12.22 -10.17 -15.91
N SER A 110 12.40 -11.23 -15.12
CA SER A 110 11.67 -12.47 -15.32
C SER A 110 10.16 -12.22 -15.11
N LEU A 111 9.35 -12.80 -15.98
CA LEU A 111 7.89 -12.69 -15.90
C LEU A 111 7.29 -14.06 -15.68
N PRO A 112 6.82 -14.34 -14.46
CA PRO A 112 6.21 -15.65 -14.15
C PRO A 112 5.01 -15.97 -15.04
N GLY A 113 4.29 -14.94 -15.48
CA GLY A 113 3.12 -15.20 -16.32
C GLY A 113 1.90 -15.69 -15.55
N GLY A 114 0.88 -16.09 -16.30
CA GLY A 114 -0.34 -16.59 -15.70
C GLY A 114 -1.53 -15.68 -15.98
N ASP A 115 -1.26 -14.42 -16.29
CA ASP A 115 -2.34 -13.47 -16.57
C ASP A 115 -2.99 -13.73 -17.92
N ALA A 116 -4.30 -13.53 -18.01
CA ALA A 116 -4.97 -13.71 -19.28
C ALA A 116 -4.56 -12.56 -20.17
N ILE A 117 -4.57 -12.78 -21.47
CA ILE A 117 -4.21 -11.74 -22.43
C ILE A 117 -5.26 -10.65 -22.22
N GLY A 118 -4.83 -9.42 -21.96
CA GLY A 118 -5.81 -8.37 -21.75
C GLY A 118 -6.03 -8.07 -20.28
N ALA A 119 -5.35 -8.83 -19.43
CA ALA A 119 -5.43 -8.65 -17.98
C ALA A 119 -4.00 -8.73 -17.44
N ALA A 120 -3.04 -8.20 -18.20
CA ALA A 120 -1.63 -8.23 -17.83
C ALA A 120 -1.14 -6.83 -17.46
N PRO A 121 -0.96 -6.58 -16.16
CA PRO A 121 -0.50 -5.28 -15.67
C PRO A 121 0.81 -4.84 -16.32
N VAL A 122 1.62 -5.81 -16.73
CA VAL A 122 2.91 -5.48 -17.32
C VAL A 122 2.76 -4.68 -18.61
N ASP A 123 1.64 -4.86 -19.30
CA ASP A 123 1.42 -4.15 -20.55
C ASP A 123 1.63 -2.65 -20.50
N LEU A 124 1.10 -2.01 -19.46
CA LEU A 124 1.23 -0.55 -19.32
C LEU A 124 2.66 -0.10 -19.10
N HIS A 125 3.44 -0.97 -18.44
CA HIS A 125 4.85 -0.66 -18.18
C HIS A 125 5.59 -0.66 -19.50
N ILE A 126 5.32 -1.69 -20.31
CA ILE A 126 5.97 -1.87 -21.60
C ILE A 126 5.60 -0.69 -22.47
N PHE A 127 4.31 -0.32 -22.46
CA PHE A 127 3.81 0.83 -23.22
C PHE A 127 4.63 2.08 -22.93
N GLY A 128 4.76 2.36 -21.64
CA GLY A 128 5.49 3.54 -21.23
C GLY A 128 6.95 3.53 -21.64
N LEU A 129 7.61 2.40 -21.43
CA LEU A 129 9.03 2.28 -21.81
C LEU A 129 9.22 2.45 -23.32
N GLU A 130 8.32 1.86 -24.09
CA GLU A 130 8.39 2.01 -25.54
C GLU A 130 8.24 3.46 -25.95
N LYS A 131 7.32 4.17 -25.28
CA LYS A 131 7.07 5.59 -25.55
C LYS A 131 8.35 6.38 -25.32
N LEU A 132 9.13 5.96 -24.33
CA LEU A 132 10.39 6.59 -23.98
C LEU A 132 11.55 6.20 -24.91
N GLY A 133 11.25 5.33 -25.86
CA GLY A 133 12.27 4.94 -26.82
C GLY A 133 12.94 3.61 -26.62
N ALA A 134 12.56 2.87 -25.58
CA ALA A 134 13.18 1.57 -25.38
C ALA A 134 12.64 0.53 -26.32
N GLU A 135 13.51 -0.41 -26.68
CA GLU A 135 13.11 -1.55 -27.49
C GLU A 135 12.75 -2.64 -26.47
N ILE A 136 11.58 -3.25 -26.61
CA ILE A 136 11.16 -4.30 -25.69
C ILE A 136 11.05 -5.65 -26.37
N LYS A 137 11.63 -6.67 -25.76
CA LYS A 137 11.56 -8.04 -26.26
C LYS A 137 10.94 -8.94 -25.19
N LEU A 138 9.99 -9.76 -25.59
CA LEU A 138 9.37 -10.73 -24.69
C LEU A 138 9.93 -12.07 -25.14
N GLU A 139 10.90 -12.59 -24.41
CA GLU A 139 11.53 -13.85 -24.78
C GLU A 139 12.17 -14.55 -23.59
N GLU A 140 12.31 -15.87 -23.67
CA GLU A 140 12.98 -16.60 -22.61
C GLU A 140 12.37 -16.43 -21.22
N GLY A 141 11.08 -16.10 -21.18
CA GLY A 141 10.41 -15.89 -19.90
C GLY A 141 10.76 -14.55 -19.28
N TYR A 142 11.31 -13.65 -20.08
CA TYR A 142 11.70 -12.31 -19.61
C TYR A 142 11.07 -11.18 -20.38
N VAL A 143 11.04 -10.00 -19.75
CA VAL A 143 10.68 -8.79 -20.47
C VAL A 143 12.08 -8.11 -20.49
N LYS A 144 12.58 -7.87 -21.71
CA LYS A 144 13.90 -7.26 -21.90
C LYS A 144 13.78 -5.87 -22.48
N ALA A 145 14.57 -4.93 -21.99
CA ALA A 145 14.51 -3.58 -22.51
C ALA A 145 15.92 -3.11 -22.86
N SER A 146 16.00 -2.33 -23.94
CA SER A 146 17.30 -1.80 -24.33
C SER A 146 17.12 -0.48 -25.06
N VAL A 147 18.14 0.36 -25.05
CA VAL A 147 18.08 1.60 -25.79
C VAL A 147 19.51 2.00 -26.12
N ASN A 148 19.71 2.62 -27.28
CA ASN A 148 21.04 3.08 -27.66
C ASN A 148 21.06 4.51 -27.17
N GLY A 149 22.00 4.83 -26.28
CA GLY A 149 22.03 6.19 -25.79
C GLY A 149 21.03 6.38 -24.66
N ARG A 150 20.43 7.57 -24.61
CA ARG A 150 19.46 7.88 -23.57
C ARG A 150 18.05 7.61 -24.02
N LEU A 151 17.17 7.40 -23.05
CA LEU A 151 15.75 7.32 -23.32
C LEU A 151 15.43 8.75 -23.75
N LYS A 152 14.32 8.90 -24.47
CA LYS A 152 13.89 10.21 -24.98
C LYS A 152 12.55 10.64 -24.41
N GLY A 153 12.51 11.85 -23.84
CA GLY A 153 11.29 12.35 -23.25
C GLY A 153 10.13 12.34 -24.23
N ALA A 154 8.94 11.98 -23.75
CA ALA A 154 7.76 11.89 -24.60
C ALA A 154 6.50 12.35 -23.90
N HIS A 155 5.49 12.70 -24.69
CA HIS A 155 4.19 13.11 -24.16
C HIS A 155 3.39 11.80 -24.19
N ILE A 156 3.13 11.23 -23.00
CA ILE A 156 2.48 9.94 -22.89
C ILE A 156 1.08 10.03 -22.30
N VAL A 157 0.10 9.43 -22.97
CA VAL A 157 -1.25 9.43 -22.45
C VAL A 157 -1.62 8.02 -22.01
N MET A 158 -1.81 7.87 -20.71
CA MET A 158 -2.18 6.60 -20.09
C MET A 158 -3.67 6.34 -20.31
N ASP A 159 -3.99 5.20 -20.92
CA ASP A 159 -5.39 4.83 -21.19
C ASP A 159 -6.15 4.35 -19.95
N LYS A 160 -5.39 4.00 -18.92
CA LYS A 160 -5.94 3.55 -17.64
C LYS A 160 -5.03 4.13 -16.57
N VAL A 161 -5.58 4.46 -15.40
CA VAL A 161 -4.77 5.00 -14.31
C VAL A 161 -4.07 3.79 -13.69
N SER A 162 -2.74 3.80 -13.71
CA SER A 162 -1.95 2.69 -13.19
C SER A 162 -0.86 3.20 -12.26
N VAL A 163 -0.92 2.84 -10.98
CA VAL A 163 0.13 3.26 -10.07
C VAL A 163 1.45 2.68 -10.55
N GLY A 164 1.44 1.39 -10.90
CA GLY A 164 2.66 0.72 -11.33
C GLY A 164 3.34 1.38 -12.51
N ALA A 165 2.56 1.59 -13.57
CA ALA A 165 3.17 2.17 -14.78
C ALA A 165 3.55 3.62 -14.59
N THR A 166 2.79 4.35 -13.78
CA THR A 166 3.14 5.75 -13.51
C THR A 166 4.53 5.79 -12.87
N VAL A 167 4.77 4.91 -11.90
CA VAL A 167 6.11 4.86 -11.26
C VAL A 167 7.19 4.46 -12.28
N THR A 168 6.92 3.47 -13.11
CA THR A 168 7.95 3.07 -14.08
C THR A 168 8.31 4.22 -15.02
N ILE A 169 7.29 4.92 -15.51
CA ILE A 169 7.53 5.98 -16.49
C ILE A 169 8.22 7.17 -15.85
N MET A 170 7.70 7.60 -14.71
CA MET A 170 8.26 8.73 -13.98
C MET A 170 9.72 8.49 -13.63
N SER A 171 9.99 7.32 -13.07
CA SER A 171 11.35 6.95 -12.67
C SER A 171 12.35 6.94 -13.84
N ALA A 172 11.97 6.26 -14.93
CA ALA A 172 12.86 6.18 -16.05
C ALA A 172 13.06 7.55 -16.71
N ALA A 173 12.01 8.36 -16.73
CA ALA A 173 12.07 9.68 -17.36
C ALA A 173 13.06 10.64 -16.71
N THR A 174 13.41 10.37 -15.46
CA THR A 174 14.34 11.26 -14.79
C THR A 174 15.72 11.33 -15.44
N LEU A 175 16.10 10.29 -16.18
CA LEU A 175 17.40 10.23 -16.88
C LEU A 175 17.25 10.31 -18.39
N ALA A 176 16.04 10.61 -18.85
CA ALA A 176 15.83 10.72 -20.29
C ALA A 176 16.29 12.09 -20.81
N GLU A 177 16.51 12.17 -22.12
CA GLU A 177 16.85 13.45 -22.72
C GLU A 177 15.54 14.17 -23.04
N GLY A 178 15.34 15.34 -22.46
CA GLY A 178 14.12 16.07 -22.75
C GLY A 178 13.04 15.94 -21.68
N THR A 179 11.87 16.44 -22.04
CA THR A 179 10.72 16.49 -21.15
C THR A 179 9.72 15.40 -21.42
N THR A 180 9.25 14.79 -20.33
CA THR A 180 8.22 13.75 -20.41
C THR A 180 6.98 14.30 -19.69
N ILE A 181 5.80 14.09 -20.28
CA ILE A 181 4.56 14.52 -19.63
C ILE A 181 3.71 13.27 -19.57
N ILE A 182 3.27 12.91 -18.37
CA ILE A 182 2.41 11.74 -18.19
C ILE A 182 0.99 12.24 -17.93
N GLU A 183 0.11 11.98 -18.90
CA GLU A 183 -1.30 12.36 -18.81
C GLU A 183 -2.05 11.17 -18.21
N ASN A 184 -3.04 11.45 -17.37
CA ASN A 184 -3.80 10.39 -16.70
C ASN A 184 -2.91 9.65 -15.71
N ALA A 185 -1.99 10.38 -15.09
CA ALA A 185 -1.10 9.79 -14.08
C ALA A 185 -1.85 9.39 -12.82
N ALA A 186 -1.38 8.30 -12.17
CA ALA A 186 -1.94 7.89 -10.88
C ALA A 186 -1.60 9.03 -9.87
N ARG A 187 -2.53 9.33 -8.96
CA ARG A 187 -2.42 10.41 -7.99
C ARG A 187 -2.10 10.03 -6.55
N GLU A 188 -1.98 8.72 -6.31
CA GLU A 188 -1.70 8.17 -4.98
C GLU A 188 -0.60 8.85 -4.18
N PRO A 189 -0.77 8.96 -2.86
CA PRO A 189 0.27 9.59 -2.04
C PRO A 189 1.62 8.89 -2.22
N GLU A 190 1.57 7.60 -2.54
CA GLU A 190 2.79 6.84 -2.73
C GLU A 190 3.52 7.31 -3.99
N ILE A 191 2.76 7.83 -4.96
CA ILE A 191 3.34 8.35 -6.21
C ILE A 191 4.05 9.67 -5.86
N VAL A 192 3.40 10.48 -5.04
CA VAL A 192 3.95 11.76 -4.63
C VAL A 192 5.25 11.50 -3.86
N ASP A 193 5.22 10.51 -2.97
CA ASP A 193 6.41 10.16 -2.19
C ASP A 193 7.62 9.76 -3.07
N THR A 194 7.36 8.93 -4.07
CA THR A 194 8.40 8.45 -4.97
C THR A 194 8.95 9.63 -5.76
N ALA A 195 8.05 10.51 -6.22
CA ALA A 195 8.48 11.69 -6.96
C ALA A 195 9.35 12.56 -6.06
N ASN A 196 8.95 12.74 -4.82
CA ASN A 196 9.72 13.57 -3.89
C ASN A 196 11.11 13.00 -3.63
N PHE A 197 11.18 11.68 -3.54
CA PHE A 197 12.45 10.96 -3.38
C PHE A 197 13.36 11.26 -4.59
N LEU A 198 12.81 11.10 -5.79
CA LEU A 198 13.55 11.37 -7.02
C LEU A 198 14.09 12.79 -7.05
N VAL A 199 13.24 13.73 -6.69
CA VAL A 199 13.65 15.15 -6.65
C VAL A 199 14.77 15.36 -5.62
N ALA A 200 14.69 14.66 -4.49
CA ALA A 200 15.75 14.79 -3.47
C ALA A 200 17.11 14.32 -4.03
N LEU A 201 17.08 13.42 -5.02
CA LEU A 201 18.29 12.88 -5.64
C LEU A 201 18.81 13.78 -6.76
N GLY A 202 18.00 14.77 -7.11
CA GLY A 202 18.38 15.71 -8.16
C GLY A 202 17.46 15.74 -9.37
N ALA A 203 16.39 14.94 -9.35
CA ALA A 203 15.45 14.96 -10.49
C ALA A 203 14.62 16.23 -10.56
N LYS A 204 14.03 16.48 -11.73
CA LYS A 204 13.19 17.64 -11.97
C LYS A 204 11.79 17.10 -12.28
N ILE A 205 10.90 17.16 -11.28
CA ILE A 205 9.55 16.65 -11.43
C ILE A 205 8.54 17.60 -10.82
N SER A 206 7.41 17.78 -11.50
CA SER A 206 6.32 18.60 -11.01
C SER A 206 5.00 17.97 -11.39
N GLY A 207 3.97 18.31 -10.64
CA GLY A 207 2.65 17.80 -10.95
C GLY A 207 2.29 16.54 -10.21
N GLN A 208 3.23 16.01 -9.44
CA GLN A 208 2.94 14.80 -8.66
C GLN A 208 1.75 15.04 -7.73
N GLY A 209 0.80 14.10 -7.74
CA GLY A 209 -0.40 14.24 -6.93
C GLY A 209 -1.56 14.70 -7.82
N THR A 210 -1.25 15.17 -9.02
CA THR A 210 -2.29 15.59 -9.97
C THR A 210 -2.35 14.58 -11.12
N ASP A 211 -3.28 14.79 -12.04
CA ASP A 211 -3.41 13.87 -13.16
C ASP A 211 -2.34 14.03 -14.25
N ARG A 212 -1.49 15.03 -14.09
CA ARG A 212 -0.45 15.33 -15.07
C ARG A 212 0.93 15.52 -14.43
N ILE A 213 1.86 14.61 -14.69
CA ILE A 213 3.22 14.76 -14.14
C ILE A 213 4.20 15.15 -15.24
N THR A 214 5.04 16.15 -14.97
CA THR A 214 6.02 16.57 -15.97
C THR A 214 7.41 16.32 -15.42
N ILE A 215 8.25 15.68 -16.22
CA ILE A 215 9.63 15.37 -15.79
C ILE A 215 10.63 15.94 -16.78
N GLU A 216 11.63 16.65 -16.30
CA GLU A 216 12.70 17.14 -17.16
C GLU A 216 13.92 16.28 -16.87
N GLY A 217 14.38 15.53 -17.86
CA GLY A 217 15.51 14.65 -17.63
C GLY A 217 16.81 15.36 -17.24
N VAL A 218 17.56 14.70 -16.37
CA VAL A 218 18.87 15.21 -15.95
C VAL A 218 19.98 14.16 -16.22
N GLU A 219 21.23 14.58 -16.16
CA GLU A 219 22.34 13.68 -16.46
C GLU A 219 22.50 12.49 -15.54
N ARG A 220 22.40 12.80 -14.25
CA ARG A 220 22.59 11.83 -13.21
C ARG A 220 21.79 12.14 -11.98
N LEU A 221 21.62 11.11 -11.12
CA LEU A 221 21.02 11.27 -9.80
C LEU A 221 22.09 10.98 -8.78
N GLY A 222 22.02 11.68 -7.65
CA GLY A 222 23.00 11.55 -6.58
C GLY A 222 22.68 10.57 -5.46
N GLY A 223 22.70 11.07 -4.23
CA GLY A 223 22.40 10.23 -3.09
C GLY A 223 21.86 11.08 -1.96
N GLY A 224 21.83 10.51 -0.76
CA GLY A 224 21.32 11.25 0.38
C GLY A 224 20.44 10.41 1.28
N VAL A 225 19.62 11.10 2.06
CA VAL A 225 18.72 10.45 3.03
C VAL A 225 17.29 10.84 2.74
N TYR A 226 16.39 9.86 2.76
CA TYR A 226 14.98 10.13 2.49
C TYR A 226 14.09 9.30 3.39
N ARG A 227 13.08 9.92 3.99
CA ARG A 227 12.15 9.22 4.89
C ARG A 227 10.83 8.85 4.20
N VAL A 228 10.52 7.55 4.14
CA VAL A 228 9.27 7.07 3.52
C VAL A 228 8.05 7.59 4.29
N LEU A 229 6.97 7.95 3.60
CA LEU A 229 5.79 8.46 4.27
C LEU A 229 5.03 7.38 5.05
N PRO A 230 4.19 7.82 5.95
CA PRO A 230 3.43 6.87 6.78
C PRO A 230 2.40 6.08 5.96
N ASP A 231 2.11 4.87 6.41
CA ASP A 231 1.10 4.00 5.83
C ASP A 231 -0.31 4.54 6.15
N ARG A 232 -0.96 5.16 5.17
CA ARG A 232 -2.30 5.71 5.37
C ARG A 232 -3.37 4.65 5.67
N ILE A 233 -3.23 3.44 5.13
CA ILE A 233 -4.25 2.43 5.36
C ILE A 233 -4.07 1.86 6.77
N GLU A 234 -2.82 1.68 7.20
CA GLU A 234 -2.59 1.23 8.57
C GLU A 234 -3.18 2.28 9.52
N THR A 235 -2.96 3.56 9.19
CA THR A 235 -3.47 4.63 10.06
C THR A 235 -4.99 4.50 10.13
N GLY A 236 -5.62 4.38 8.97
CA GLY A 236 -7.07 4.22 8.93
C GLY A 236 -7.56 3.03 9.74
N THR A 237 -6.86 1.91 9.66
CA THR A 237 -7.24 0.71 10.40
C THR A 237 -7.24 0.96 11.91
N PHE A 238 -6.20 1.64 12.41
CA PHE A 238 -6.14 1.96 13.84
C PHE A 238 -7.17 3.00 14.29
N LEU A 239 -7.48 3.94 13.40
CA LEU A 239 -8.51 4.96 13.67
C LEU A 239 -9.86 4.24 13.84
N VAL A 240 -10.13 3.30 12.94
CA VAL A 240 -11.36 2.52 13.02
C VAL A 240 -11.39 1.67 14.27
N ALA A 241 -10.24 1.12 14.67
CA ALA A 241 -10.18 0.29 15.89
C ALA A 241 -10.73 1.08 17.09
N ALA A 242 -10.35 2.35 17.21
CA ALA A 242 -10.85 3.16 18.32
C ALA A 242 -12.33 3.52 18.08
N ALA A 243 -12.68 3.85 16.84
CA ALA A 243 -14.04 4.25 16.49
C ALA A 243 -15.09 3.20 16.78
N ILE A 244 -14.74 1.93 16.66
CA ILE A 244 -15.72 0.88 16.86
C ILE A 244 -15.74 0.34 18.29
N SER A 245 -14.86 0.87 19.13
CA SER A 245 -14.71 0.36 20.49
C SER A 245 -14.87 1.38 21.61
N GLY A 246 -15.33 2.58 21.26
CA GLY A 246 -15.51 3.63 22.24
C GLY A 246 -14.22 4.21 22.78
N GLY A 247 -13.11 3.93 22.10
CA GLY A 247 -11.84 4.40 22.58
C GLY A 247 -11.35 5.73 22.06
N LYS A 248 -10.21 6.13 22.59
CA LYS A 248 -9.48 7.31 22.17
C LYS A 248 -8.09 6.78 21.78
N ILE A 249 -7.62 7.13 20.59
CA ILE A 249 -6.31 6.69 20.14
C ILE A 249 -5.56 7.87 19.53
N VAL A 250 -4.24 7.88 19.69
CA VAL A 250 -3.40 8.87 19.04
C VAL A 250 -2.50 8.06 18.13
N CYS A 251 -2.50 8.40 16.85
CA CYS A 251 -1.65 7.76 15.84
C CYS A 251 -0.43 8.67 15.67
N ARG A 252 0.74 8.17 16.05
CA ARG A 252 2.01 8.90 15.93
C ARG A 252 2.66 8.56 14.60
N ASN A 253 3.55 9.43 14.14
CA ASN A 253 4.24 9.20 12.86
C ASN A 253 3.22 9.07 11.74
N ALA A 254 2.21 9.91 11.79
CA ALA A 254 1.13 9.92 10.80
C ALA A 254 1.22 11.13 9.87
N GLN A 255 0.43 11.09 8.80
CA GLN A 255 0.39 12.18 7.81
C GLN A 255 -1.08 12.46 7.47
N PRO A 256 -1.71 13.35 8.22
CA PRO A 256 -3.13 13.68 8.00
C PRO A 256 -3.60 13.97 6.58
N ASP A 257 -2.81 14.73 5.82
CA ASP A 257 -3.22 15.08 4.47
C ASP A 257 -3.42 13.95 3.47
N THR A 258 -3.02 12.73 3.83
CA THR A 258 -3.18 11.58 2.93
C THR A 258 -4.49 10.88 3.22
N LEU A 259 -5.21 11.38 4.23
CA LEU A 259 -6.46 10.78 4.71
C LEU A 259 -7.70 11.66 4.73
N ASP A 260 -7.74 12.70 3.92
CA ASP A 260 -8.89 13.62 3.94
C ASP A 260 -10.26 12.93 3.96
N ALA A 261 -10.49 12.06 2.98
CA ALA A 261 -11.79 11.40 2.86
C ALA A 261 -12.10 10.51 4.04
N VAL A 262 -11.10 9.75 4.48
CA VAL A 262 -11.29 8.88 5.63
C VAL A 262 -11.65 9.67 6.88
N LEU A 263 -10.91 10.75 7.15
CA LEU A 263 -11.19 11.55 8.34
C LEU A 263 -12.59 12.15 8.27
N ALA A 264 -12.96 12.64 7.09
CA ALA A 264 -14.28 13.24 6.93
C ALA A 264 -15.38 12.21 7.17
N LYS A 265 -15.15 10.98 6.74
CA LYS A 265 -16.10 9.90 6.93
C LYS A 265 -16.26 9.53 8.41
N LEU A 266 -15.14 9.50 9.11
CA LEU A 266 -15.12 9.19 10.54
C LEU A 266 -15.87 10.28 11.30
N ARG A 267 -15.72 11.52 10.84
CA ARG A 267 -16.43 12.64 11.45
C ARG A 267 -17.94 12.42 11.34
N GLU A 268 -18.37 11.95 10.17
CA GLU A 268 -19.78 11.65 9.91
C GLU A 268 -20.28 10.56 10.85
N ALA A 269 -19.39 9.64 11.22
CA ALA A 269 -19.76 8.57 12.12
C ALA A 269 -19.78 9.00 13.58
N GLY A 270 -19.46 10.27 13.83
CA GLY A 270 -19.48 10.79 15.17
C GLY A 270 -18.15 10.91 15.91
N ALA A 271 -17.05 10.68 15.22
CA ALA A 271 -15.76 10.76 15.89
C ALA A 271 -15.26 12.19 16.08
N ASP A 272 -14.59 12.42 17.19
CA ASP A 272 -13.97 13.71 17.53
C ASP A 272 -12.51 13.57 17.09
N ILE A 273 -12.16 14.20 15.96
CA ILE A 273 -10.81 14.08 15.43
C ILE A 273 -9.98 15.35 15.49
N GLU A 274 -8.73 15.21 15.93
CA GLU A 274 -7.78 16.31 15.95
C GLU A 274 -6.57 15.91 15.14
N THR A 275 -5.93 16.87 14.49
CA THR A 275 -4.73 16.60 13.72
C THR A 275 -3.61 17.57 13.98
N GLY A 276 -2.40 17.07 13.83
CA GLY A 276 -1.19 17.86 14.00
C GLY A 276 -0.35 17.60 12.78
N GLU A 277 0.85 18.16 12.78
CA GLU A 277 1.73 17.98 11.65
C GLU A 277 2.05 16.52 11.35
N ASP A 278 2.22 15.74 12.41
CA ASP A 278 2.62 14.33 12.30
C ASP A 278 1.83 13.38 13.18
N TRP A 279 0.59 13.75 13.47
CA TRP A 279 -0.26 12.92 14.35
C TRP A 279 -1.73 13.14 14.08
N ILE A 280 -2.54 12.16 14.46
CA ILE A 280 -3.98 12.24 14.33
C ILE A 280 -4.56 11.58 15.58
N SER A 281 -5.52 12.24 16.21
CA SER A 281 -6.16 11.65 17.38
C SER A 281 -7.64 11.43 17.04
N LEU A 282 -8.22 10.39 17.62
CA LEU A 282 -9.64 10.07 17.43
C LEU A 282 -10.22 9.70 18.79
N ASP A 283 -11.33 10.34 19.15
CA ASP A 283 -11.99 10.09 20.42
C ASP A 283 -13.49 9.88 20.22
N MET A 284 -13.99 8.74 20.68
CA MET A 284 -15.42 8.41 20.60
C MET A 284 -16.16 8.81 21.87
N HIS A 285 -15.39 9.13 22.92
CA HIS A 285 -16.01 9.52 24.20
C HIS A 285 -16.85 8.40 24.84
N GLY A 286 -16.50 7.15 24.55
CA GLY A 286 -17.24 6.03 25.10
C GLY A 286 -18.53 5.76 24.32
N LYS A 287 -18.71 6.49 23.22
CA LYS A 287 -19.89 6.34 22.37
C LYS A 287 -19.81 5.40 21.16
N ARG A 288 -20.96 4.82 20.84
CA ARG A 288 -21.11 3.92 19.70
C ARG A 288 -21.10 4.75 18.39
N PRO A 289 -20.47 4.25 17.32
CA PRO A 289 -20.48 5.05 16.10
C PRO A 289 -21.85 5.11 15.40
N LYS A 290 -22.02 6.10 14.53
CA LYS A 290 -23.26 6.28 13.75
C LYS A 290 -23.04 5.76 12.34
N ALA A 291 -24.04 5.11 11.75
CA ALA A 291 -23.89 4.57 10.40
C ALA A 291 -23.61 5.63 9.35
N VAL A 292 -22.80 5.27 8.36
CA VAL A 292 -22.46 6.19 7.28
C VAL A 292 -22.61 5.55 5.90
N THR A 293 -22.58 6.41 4.88
CA THR A 293 -22.64 5.98 3.49
C THR A 293 -21.21 6.10 2.98
N VAL A 294 -20.74 5.06 2.33
CA VAL A 294 -19.39 5.05 1.79
C VAL A 294 -19.40 4.62 0.33
N ARG A 295 -18.68 5.37 -0.50
CA ARG A 295 -18.51 5.07 -1.92
C ARG A 295 -17.02 5.12 -2.25
N THR A 296 -16.43 4.00 -2.65
CA THR A 296 -15.01 4.03 -2.97
C THR A 296 -14.78 4.68 -4.32
N ALA A 297 -13.63 5.33 -4.48
CA ALA A 297 -13.30 6.02 -5.74
C ALA A 297 -11.81 6.31 -5.76
N PRO A 298 -11.26 6.71 -6.92
CA PRO A 298 -9.82 7.00 -7.01
C PRO A 298 -9.35 8.11 -6.09
N HIS A 299 -8.13 7.98 -5.60
CA HIS A 299 -7.52 8.98 -4.73
C HIS A 299 -7.65 10.32 -5.43
N PRO A 300 -7.92 11.40 -4.68
CA PRO A 300 -8.11 11.56 -3.24
C PRO A 300 -9.46 11.23 -2.60
N ALA A 301 -10.32 10.52 -3.34
CA ALA A 301 -11.63 10.12 -2.80
C ALA A 301 -11.46 8.94 -1.83
N PHE A 302 -12.58 8.44 -1.31
CA PHE A 302 -12.57 7.33 -0.37
C PHE A 302 -11.81 6.11 -0.90
N PRO A 303 -10.78 5.63 -0.16
CA PRO A 303 -10.00 4.47 -0.61
C PRO A 303 -10.62 3.09 -0.47
N THR A 304 -10.54 2.34 -1.57
CA THR A 304 -11.08 0.98 -1.58
C THR A 304 -10.40 0.13 -0.50
N ASP A 305 -9.15 0.45 -0.20
CA ASP A 305 -8.39 -0.26 0.84
C ASP A 305 -8.92 -0.05 2.26
N MET A 306 -9.90 0.83 2.42
CA MET A 306 -10.53 1.08 3.74
C MET A 306 -11.95 0.54 3.79
N GLN A 307 -12.40 -0.08 2.70
CA GLN A 307 -13.76 -0.60 2.61
C GLN A 307 -14.21 -1.61 3.68
N ALA A 308 -13.41 -2.64 3.86
CA ALA A 308 -13.75 -3.64 4.85
C ALA A 308 -13.84 -3.07 6.27
N GLN A 309 -12.90 -2.19 6.61
CA GLN A 309 -12.85 -1.57 7.91
C GLN A 309 -14.12 -0.75 8.16
N PHE A 310 -14.55 -0.01 7.14
CA PHE A 310 -15.78 0.78 7.27
C PHE A 310 -17.03 -0.07 7.29
N THR A 311 -16.97 -1.24 6.65
CA THR A 311 -18.10 -2.16 6.66
C THR A 311 -18.28 -2.62 8.11
N LEU A 312 -17.17 -2.98 8.77
CA LEU A 312 -17.20 -3.39 10.17
C LEU A 312 -17.79 -2.27 11.03
N LEU A 313 -17.31 -1.06 10.80
CA LEU A 313 -17.80 0.11 11.52
C LEU A 313 -19.32 0.20 11.41
N ASN A 314 -19.83 0.10 10.19
CA ASN A 314 -21.28 0.15 9.98
C ASN A 314 -21.99 -0.98 10.68
N LEU A 315 -21.36 -2.16 10.68
CA LEU A 315 -21.97 -3.33 11.30
C LEU A 315 -22.20 -3.27 12.81
N VAL A 316 -21.50 -2.36 13.47
CA VAL A 316 -21.67 -2.18 14.90
C VAL A 316 -22.14 -0.76 15.22
N ALA A 317 -22.52 -0.05 14.18
CA ALA A 317 -23.00 1.33 14.31
C ALA A 317 -24.49 1.40 14.60
N GLU A 318 -24.92 2.61 15.00
CA GLU A 318 -26.32 2.90 15.25
C GLU A 318 -26.91 3.27 13.89
N GLY A 319 -27.85 2.47 13.40
CA GLY A 319 -28.46 2.80 12.11
C GLY A 319 -28.14 1.89 10.95
N THR A 320 -28.59 2.29 9.77
CA THR A 320 -28.39 1.55 8.52
C THR A 320 -27.50 2.34 7.58
N GLY A 321 -26.46 1.71 7.06
CA GLY A 321 -25.55 2.38 6.16
C GLY A 321 -25.25 1.49 4.96
N VAL A 322 -24.69 2.05 3.90
CA VAL A 322 -24.37 1.30 2.70
C VAL A 322 -22.95 1.55 2.27
N ILE A 323 -22.28 0.48 1.90
CA ILE A 323 -20.90 0.55 1.40
C ILE A 323 -20.96 0.20 -0.08
N THR A 324 -20.50 1.10 -0.93
CA THR A 324 -20.49 0.85 -2.36
C THR A 324 -19.06 0.81 -2.88
N GLU A 325 -18.74 -0.28 -3.58
CA GLU A 325 -17.42 -0.52 -4.15
C GLU A 325 -17.46 -0.24 -5.64
N THR A 326 -16.69 0.73 -6.11
CA THR A 326 -16.65 1.04 -7.53
C THR A 326 -15.32 0.63 -8.17
N ILE A 327 -14.34 0.26 -7.35
CA ILE A 327 -13.02 -0.15 -7.83
C ILE A 327 -12.93 -1.67 -8.00
N PHE A 328 -12.79 -2.39 -6.88
CA PHE A 328 -12.69 -3.84 -6.91
C PHE A 328 -14.00 -4.61 -6.80
N GLU A 329 -14.29 -5.43 -7.80
CA GLU A 329 -15.51 -6.22 -7.75
C GLU A 329 -15.39 -7.46 -6.87
N ASN A 330 -16.48 -7.86 -6.21
CA ASN A 330 -16.44 -9.02 -5.34
C ASN A 330 -15.55 -8.94 -4.09
N ALA A 331 -15.36 -7.73 -3.60
CA ALA A 331 -14.55 -7.50 -2.41
C ALA A 331 -15.37 -7.67 -1.14
N PHE A 332 -16.26 -8.66 -1.12
CA PHE A 332 -17.13 -8.89 0.04
C PHE A 332 -17.03 -10.17 0.86
N MET A 333 -15.99 -10.96 0.63
CA MET A 333 -15.84 -12.19 1.40
C MET A 333 -15.84 -12.09 2.93
N HIS A 334 -15.48 -10.91 3.42
CA HIS A 334 -15.47 -10.65 4.86
C HIS A 334 -16.91 -10.59 5.42
N VAL A 335 -17.87 -10.28 4.56
CA VAL A 335 -19.24 -10.15 5.03
C VAL A 335 -19.83 -11.43 5.61
N PRO A 336 -19.77 -12.56 4.87
CA PRO A 336 -20.33 -13.79 5.46
C PRO A 336 -19.66 -14.12 6.80
N GLU A 337 -18.37 -13.78 6.93
CA GLU A 337 -17.64 -14.04 8.18
C GLU A 337 -18.22 -13.23 9.34
N LEU A 338 -18.44 -11.95 9.07
CA LEU A 338 -19.01 -11.02 10.04
C LEU A 338 -20.44 -11.43 10.42
N ILE A 339 -21.19 -11.94 9.45
CA ILE A 339 -22.54 -12.41 9.71
C ILE A 339 -22.43 -13.57 10.70
N ARG A 340 -21.41 -14.43 10.54
CA ARG A 340 -21.21 -15.49 11.53
C ARG A 340 -20.93 -15.00 12.96
N MET A 341 -20.49 -13.76 13.04
CA MET A 341 -20.21 -13.10 14.32
C MET A 341 -21.41 -12.31 14.83
N GLY A 342 -22.54 -12.44 14.15
CA GLY A 342 -23.75 -11.75 14.60
C GLY A 342 -24.13 -10.50 13.85
N ALA A 343 -23.38 -10.15 12.81
CA ALA A 343 -23.70 -8.97 12.04
C ALA A 343 -24.91 -9.20 11.16
N HIS A 344 -25.55 -8.10 10.78
CA HIS A 344 -26.73 -8.10 9.90
C HIS A 344 -26.41 -7.35 8.62
N ALA A 345 -26.28 -8.05 7.50
CA ALA A 345 -25.97 -7.39 6.25
C ALA A 345 -26.48 -8.13 5.04
N GLU A 346 -26.68 -7.37 3.97
CA GLU A 346 -27.13 -7.90 2.69
C GLU A 346 -26.22 -7.43 1.59
N ILE A 347 -25.74 -8.36 0.77
CA ILE A 347 -24.89 -7.99 -0.33
C ILE A 347 -25.80 -7.83 -1.53
N GLU A 348 -25.72 -6.67 -2.16
CA GLU A 348 -26.51 -6.36 -3.35
C GLU A 348 -25.60 -5.81 -4.42
N SER A 349 -25.37 -6.62 -5.44
CA SER A 349 -24.45 -6.20 -6.49
C SER A 349 -23.12 -5.70 -5.94
N ASN A 350 -22.74 -4.48 -6.27
CA ASN A 350 -21.48 -3.89 -5.80
C ASN A 350 -21.61 -3.13 -4.47
N THR A 351 -22.63 -3.48 -3.69
CA THR A 351 -22.85 -2.81 -2.40
C THR A 351 -23.17 -3.77 -1.27
N VAL A 352 -22.99 -3.27 -0.04
CA VAL A 352 -23.31 -3.99 1.17
C VAL A 352 -24.23 -3.09 2.01
N ILE A 353 -25.45 -3.57 2.29
CA ILE A 353 -26.38 -2.83 3.12
C ILE A 353 -26.17 -3.32 4.54
N CYS A 354 -25.80 -2.41 5.42
CA CYS A 354 -25.48 -2.70 6.82
C CYS A 354 -26.54 -2.30 7.84
N HIS A 355 -26.89 -3.24 8.72
CA HIS A 355 -27.87 -3.01 9.78
C HIS A 355 -27.11 -3.17 11.09
N GLY A 356 -26.65 -2.06 11.65
CA GLY A 356 -25.85 -2.10 12.86
C GLY A 356 -26.39 -2.80 14.09
N VAL A 357 -25.56 -3.64 14.71
CA VAL A 357 -25.97 -4.30 15.95
C VAL A 357 -25.08 -3.83 17.09
N GLU A 358 -25.57 -3.94 18.32
CA GLU A 358 -24.81 -3.50 19.47
C GLU A 358 -23.54 -4.29 19.77
N LYS A 359 -23.66 -5.61 19.71
CA LYS A 359 -22.55 -6.50 20.03
C LYS A 359 -22.37 -7.66 19.07
N LEU A 360 -21.11 -8.01 18.84
CA LEU A 360 -20.76 -9.15 18.01
C LEU A 360 -20.42 -10.31 18.94
N SER A 361 -20.39 -11.51 18.39
CA SER A 361 -20.03 -12.70 19.15
C SER A 361 -18.84 -13.38 18.49
N GLY A 362 -17.93 -13.90 19.30
CA GLY A 362 -16.76 -14.58 18.74
C GLY A 362 -17.07 -15.76 17.85
N ALA A 363 -16.18 -16.01 16.89
CA ALA A 363 -16.35 -17.13 15.98
C ALA A 363 -15.02 -17.50 15.35
N GLN A 364 -15.01 -18.62 14.64
CA GLN A 364 -13.83 -19.07 13.91
C GLN A 364 -14.03 -18.48 12.52
N VAL A 365 -13.19 -17.53 12.15
CA VAL A 365 -13.31 -16.87 10.85
C VAL A 365 -12.01 -16.95 10.07
N MET A 366 -12.11 -16.79 8.77
CA MET A 366 -10.95 -16.93 7.92
C MET A 366 -10.59 -15.75 7.08
N ALA A 367 -9.33 -15.36 7.19
CA ALA A 367 -8.75 -14.26 6.42
C ALA A 367 -8.56 -14.82 5.00
N THR A 368 -8.87 -14.04 3.95
CA THR A 368 -8.66 -14.54 2.58
C THR A 368 -8.04 -13.49 1.69
N LYS A 369 -7.71 -12.36 2.28
CA LYS A 369 -7.13 -11.20 1.67
C LYS A 369 -6.82 -10.14 2.75
N LEU A 370 -5.76 -9.37 2.60
CA LEU A 370 -5.29 -8.34 3.55
C LEU A 370 -6.17 -7.45 4.46
N ARG A 371 -6.98 -6.60 3.84
CA ARG A 371 -7.86 -5.68 4.58
C ARG A 371 -9.04 -6.30 5.29
N ALA A 372 -9.72 -7.19 4.59
CA ALA A 372 -10.87 -7.87 5.15
C ALA A 372 -10.28 -8.64 6.32
N SER A 373 -9.04 -9.10 6.14
CA SER A 373 -8.40 -9.83 7.19
C SER A 373 -8.15 -9.03 8.45
N ALA A 374 -7.51 -7.86 8.31
CA ALA A 374 -7.25 -7.04 9.49
C ALA A 374 -8.60 -6.73 10.13
N SER A 375 -9.63 -6.52 9.30
CA SER A 375 -10.96 -6.24 9.81
C SER A 375 -11.55 -7.32 10.70
N LEU A 376 -11.22 -8.56 10.38
CA LEU A 376 -11.68 -9.71 11.15
C LEU A 376 -11.02 -9.71 12.52
N VAL A 377 -9.75 -9.30 12.58
CA VAL A 377 -9.02 -9.23 13.84
C VAL A 377 -9.67 -8.13 14.71
N LEU A 378 -10.00 -7.00 14.10
CA LEU A 378 -10.65 -5.91 14.83
C LEU A 378 -11.99 -6.38 15.38
N ALA A 379 -12.75 -7.11 14.56
CA ALA A 379 -14.06 -7.62 14.96
C ALA A 379 -13.89 -8.52 16.18
N GLY A 380 -12.85 -9.35 16.16
CA GLY A 380 -12.57 -10.23 17.27
C GLY A 380 -12.29 -9.45 18.55
N CYS A 381 -11.61 -8.33 18.43
CA CYS A 381 -11.30 -7.51 19.59
C CYS A 381 -12.51 -7.00 20.32
N ILE A 382 -13.54 -6.62 19.56
CA ILE A 382 -14.75 -6.07 20.16
C ILE A 382 -15.88 -7.06 20.39
N ALA A 383 -15.73 -8.26 19.83
CA ALA A 383 -16.77 -9.27 19.96
C ALA A 383 -16.75 -9.91 21.35
N GLU A 384 -17.87 -10.52 21.71
CA GLU A 384 -17.98 -11.20 22.99
C GLU A 384 -17.44 -12.61 22.94
N GLY A 385 -16.45 -12.88 23.76
CA GLY A 385 -15.88 -14.21 23.77
C GLY A 385 -14.65 -14.38 22.91
N THR A 386 -14.40 -15.62 22.52
CA THR A 386 -13.24 -16.00 21.76
C THR A 386 -13.43 -16.04 20.25
N THR A 387 -12.50 -15.40 19.54
CA THR A 387 -12.51 -15.41 18.09
C THR A 387 -11.16 -15.95 17.64
N VAL A 388 -11.17 -16.78 16.61
CA VAL A 388 -9.91 -17.29 16.08
C VAL A 388 -9.86 -16.88 14.62
N VAL A 389 -8.86 -16.09 14.26
CA VAL A 389 -8.74 -15.69 12.87
C VAL A 389 -7.66 -16.58 12.25
N ASP A 390 -8.08 -17.36 11.27
CA ASP A 390 -7.21 -18.30 10.57
C ASP A 390 -6.57 -17.65 9.34
N ARG A 391 -5.50 -18.24 8.83
CA ARG A 391 -4.87 -17.73 7.62
C ARG A 391 -4.36 -16.29 7.77
N ILE A 392 -3.73 -15.99 8.90
CA ILE A 392 -3.24 -14.63 9.11
C ILE A 392 -2.01 -14.23 8.30
N TYR A 393 -1.45 -15.15 7.51
CA TYR A 393 -0.33 -14.82 6.65
C TYR A 393 -0.72 -13.62 5.75
N HIS A 394 -2.02 -13.50 5.46
CA HIS A 394 -2.52 -12.40 4.62
C HIS A 394 -2.20 -11.07 5.29
N ILE A 395 -2.52 -11.00 6.58
CA ILE A 395 -2.27 -9.78 7.37
C ILE A 395 -0.78 -9.51 7.50
N ASP A 396 -0.03 -10.58 7.76
CA ASP A 396 1.41 -10.45 7.92
C ASP A 396 2.13 -9.83 6.72
N ARG A 397 1.55 -10.01 5.53
CA ARG A 397 2.14 -9.46 4.31
C ARG A 397 2.08 -7.93 4.29
N GLY A 398 1.10 -7.39 4.99
CA GLY A 398 0.94 -5.95 4.95
C GLY A 398 1.00 -5.15 6.24
N TYR A 399 1.07 -5.86 7.36
CA TYR A 399 1.12 -5.21 8.68
C TYR A 399 2.29 -5.75 9.48
N GLU A 400 3.09 -4.84 10.03
CA GLU A 400 4.22 -5.24 10.87
C GLU A 400 3.69 -5.68 12.25
N ARG A 401 3.79 -6.97 12.58
CA ARG A 401 3.33 -7.50 13.88
C ARG A 401 2.11 -6.76 14.45
N ILE A 402 1.00 -6.88 13.76
CA ILE A 402 -0.19 -6.18 14.18
C ILE A 402 -0.62 -6.52 15.59
N GLU A 403 -0.36 -7.76 16.03
CA GLU A 403 -0.76 -8.15 17.39
C GLU A 403 -0.07 -7.33 18.48
N ASP A 404 1.15 -6.90 18.20
CA ASP A 404 1.90 -6.11 19.18
C ASP A 404 1.28 -4.75 19.36
N LYS A 405 0.92 -4.14 18.22
CA LYS A 405 0.28 -2.84 18.25
C LYS A 405 -1.08 -2.91 18.92
N LEU A 406 -1.85 -3.96 18.58
CA LEU A 406 -3.17 -4.15 19.16
C LEU A 406 -3.08 -4.41 20.66
N ARG A 407 -2.09 -5.21 21.03
CA ARG A 407 -1.87 -5.51 22.46
C ARG A 407 -1.65 -4.21 23.25
N ALA A 408 -0.82 -3.32 22.71
CA ALA A 408 -0.50 -2.04 23.35
C ALA A 408 -1.74 -1.15 23.49
N LEU A 409 -2.77 -1.45 22.70
CA LEU A 409 -4.03 -0.73 22.71
C LEU A 409 -5.07 -1.37 23.65
N GLY A 410 -4.68 -2.45 24.30
CA GLY A 410 -5.58 -3.15 25.22
C GLY A 410 -6.16 -4.48 24.75
N ALA A 411 -5.82 -4.90 23.54
CA ALA A 411 -6.36 -6.16 23.05
C ALA A 411 -5.79 -7.36 23.77
N ASN A 412 -6.62 -8.40 23.83
CA ASN A 412 -6.21 -9.69 24.39
C ASN A 412 -6.04 -10.55 23.14
N ILE A 413 -4.80 -10.63 22.68
CA ILE A 413 -4.53 -11.34 21.44
C ILE A 413 -3.25 -12.17 21.49
N GLU A 414 -3.36 -13.34 20.90
CA GLU A 414 -2.24 -14.26 20.88
C GLU A 414 -1.96 -14.87 19.50
N ARG A 415 -0.69 -14.89 19.12
CA ARG A 415 -0.29 -15.51 17.86
C ARG A 415 -0.11 -16.99 18.18
N VAL A 416 -0.98 -17.84 17.66
CA VAL A 416 -0.88 -19.27 17.91
C VAL A 416 -0.16 -19.98 16.78
N LYS A 417 0.90 -20.68 17.15
CA LYS A 417 1.74 -21.32 16.21
C LYS A 417 1.32 -22.71 15.83
N GLY A 418 0.87 -23.50 16.79
CA GLY A 418 0.41 -24.85 16.54
C GLY A 418 1.59 -25.81 16.67
N GLU A 419 2.36 -25.62 17.75
CA GLU A 419 3.54 -26.43 18.03
C GLU A 419 3.50 -27.32 19.29
C1 PEG B . 4.96 11.70 9.93
O1 PEG B . 4.50 12.92 9.35
C2 PEG B . 6.10 11.77 10.91
O2 PEG B . 7.10 12.72 10.48
C3 PEG B . 8.41 12.34 10.75
C4 PEG B . 9.40 13.21 9.99
O4 PEG B . 10.63 13.08 10.67
C1 EDO C . 13.80 13.86 6.59
O1 EDO C . 12.39 13.60 6.59
C2 EDO C . 14.58 12.55 6.45
O2 EDO C . 15.59 12.47 7.46
C1 EDO D . 21.17 -7.93 -19.71
O1 EDO D . 20.83 -9.04 -18.87
C2 EDO D . 19.98 -6.96 -19.82
O2 EDO D . 18.95 -7.55 -20.63
C1 EDO E . 21.77 16.13 -4.46
O1 EDO E . 22.70 16.61 -5.44
C2 EDO E . 21.73 14.60 -4.46
O2 EDO E . 23.06 14.08 -4.31
C1 EDO F . 2.11 -4.17 -8.33
O1 EDO F . 2.32 -5.05 -7.22
C2 EDO F . 3.39 -4.09 -9.17
O2 EDO F . 3.68 -2.74 -9.50
C1 EDO G . 32.41 13.22 -4.29
O1 EDO G . 32.88 14.21 -5.20
C2 EDO G . 31.05 13.65 -3.74
O2 EDO G . 30.01 13.02 -4.48
C1 EDO H . -11.15 -4.37 -1.78
O1 EDO H . -11.63 -5.69 -1.84
C2 EDO H . -9.81 -4.30 -1.12
O2 EDO H . -9.21 -3.19 -1.73
C1 EDO I . -26.69 7.82 7.19
O1 EDO I . -27.71 7.48 8.14
C2 EDO I . -25.99 6.54 6.69
O2 EDO I . -26.80 5.90 5.71
C1 EDO J . 1.61 0.10 -5.71
O1 EDO J . 1.84 -1.29 -5.65
C2 EDO J . 2.67 0.84 -4.91
O2 EDO J . 2.35 2.22 -4.86
C1 EDO K . -16.25 10.43 0.10
O1 EDO K . -16.27 9.67 1.28
C2 EDO K . -14.84 10.52 -0.42
O2 EDO K . -14.83 10.11 -1.77
C1 EDO L . -1.25 1.63 -0.24
O1 EDO L . -2.07 0.55 0.24
C2 EDO L . -1.26 2.76 0.78
O2 EDO L . -0.06 2.72 1.53
C1 EDO M . 9.10 -10.42 7.83
O1 EDO M . 8.93 -11.31 6.73
C2 EDO M . 9.93 -9.21 7.38
O2 EDO M . 11.31 -9.51 7.47
C1 EDO N . -6.08 16.79 -10.40
O1 EDO N . -5.30 16.56 -11.57
C2 EDO N . -5.24 17.57 -9.37
O2 EDO N . -5.42 18.97 -9.58
C ACT O . 2.52 -10.24 -21.40
O ACT O . 1.16 -10.31 -21.01
OXT ACT O . 2.86 -9.47 -22.29
CH3 ACT O . 3.54 -11.10 -20.72
#